data_4ENM
#
_entry.id   4ENM
#
_cell.length_a   59.900
_cell.length_b   59.900
_cell.length_c   237.051
_cell.angle_alpha   90.00
_cell.angle_beta   90.00
_cell.angle_gamma   120.00
#
_symmetry.space_group_name_H-M   'P 61 2 2'
#
loop_
_entity.id
_entity.type
_entity.pdbx_description
1 polymer 'Alkyltransferase-like protein 1'
2 polymer "DNA (5'-D(*GP*CP*CP*AP*TP*GP*(BZG)P*CP*TP*AP*GP*TP*A)-3')"
3 polymer "DNA (5'-D(*CP*TP*AP*CP*TP*AP*GP*CP*CP*AP*TP*GP*G)-3')"
#
loop_
_entity_poly.entity_id
_entity_poly.type
_entity_poly.pdbx_seq_one_letter_code
_entity_poly.pdbx_strand_id
1 'polypeptide(L)'
;MRMDEFYTKVYDAVCEIPYGKVSTYGEIARYVGMPSYARQVGQAMKHLHPETHVPWHRVINSRGTISKRDISAGEQRQKD
RLEEEGVEIYQTSLGEYKLNLPEYMWKPGSHHHHHH
;
A
2 'polydeoxyribonucleotide' (DG)(DC)(DC)(DA)(DT)(DG)(BZG)(DC)(DT)(DA)(DG)(DT)(DA) B
3 'polydeoxyribonucleotide' (DC)(DT)(DA)(DC)(DT)(DA)(DG)(DC)(DC)(DA)(DT)(DG)(DG) C
#
loop_
_chem_comp.id
_chem_comp.type
_chem_comp.name
_chem_comp.formula
BZG DNA linking 6-(BENZYLOXY)-9-(2-DEOXY-5-O-PHOSPHONO-BETA-D-ERYTHRO-PENTOFURANOSYL)-9H-PURIN-2-AMINE 'C17 H20 N5 O7 P'
DA DNA linking 2'-DEOXYADENOSINE-5'-MONOPHOSPHATE 'C10 H14 N5 O6 P'
DC DNA linking 2'-DEOXYCYTIDINE-5'-MONOPHOSPHATE 'C9 H14 N3 O7 P'
DG DNA linking 2'-DEOXYGUANOSINE-5'-MONOPHOSPHATE 'C10 H14 N5 O7 P'
DT DNA linking THYMIDINE-5'-MONOPHOSPHATE 'C10 H15 N2 O8 P'
#
# COMPACT_ATOMS: atom_id res chain seq x y z
N MET A 1 0.11 14.33 -18.11
CA MET A 1 -0.98 13.76 -17.32
C MET A 1 -1.21 14.52 -16.03
N ARG A 2 -2.44 14.97 -15.85
CA ARG A 2 -2.82 15.79 -14.70
C ARG A 2 -2.61 15.05 -13.37
N MET A 3 -2.18 15.76 -12.33
CA MET A 3 -2.03 15.13 -11.00
C MET A 3 -3.34 14.49 -10.55
N ASP A 4 -4.43 15.22 -10.67
CA ASP A 4 -5.74 14.71 -10.27
C ASP A 4 -6.14 13.48 -11.08
N GLU A 5 -5.54 13.32 -12.26
CA GLU A 5 -5.83 12.16 -13.10
C GLU A 5 -5.13 10.97 -12.49
N PHE A 6 -3.83 11.13 -12.32
CA PHE A 6 -3.00 10.19 -11.60
C PHE A 6 -3.70 9.72 -10.34
N TYR A 7 -3.82 10.63 -9.38
CA TYR A 7 -4.52 10.35 -8.14
C TYR A 7 -5.75 9.49 -8.39
N THR A 8 -6.54 9.83 -9.39
CA THR A 8 -7.70 9.01 -9.67
C THR A 8 -7.26 7.61 -10.09
N LYS A 9 -6.44 7.54 -11.14
CA LYS A 9 -5.89 6.28 -11.66
C LYS A 9 -5.43 5.38 -10.53
N VAL A 10 -4.60 5.92 -9.67
CA VAL A 10 -4.08 5.15 -8.55
C VAL A 10 -5.18 4.51 -7.71
N TYR A 11 -6.05 5.34 -7.15
CA TYR A 11 -7.15 4.81 -6.37
C TYR A 11 -7.84 3.69 -7.14
N ASP A 12 -8.17 3.95 -8.40
CA ASP A 12 -8.79 2.92 -9.22
C ASP A 12 -8.03 1.60 -9.09
N ALA A 13 -6.71 1.66 -9.23
CA ALA A 13 -5.88 0.46 -9.18
C ALA A 13 -5.92 -0.22 -7.82
N VAL A 14 -5.64 0.54 -6.77
CA VAL A 14 -5.64 0.02 -5.42
C VAL A 14 -6.91 -0.78 -5.15
N CYS A 15 -8.05 -0.18 -5.43
CA CYS A 15 -9.32 -0.82 -5.20
C CYS A 15 -9.45 -2.18 -5.90
N GLU A 16 -8.62 -2.40 -6.92
CA GLU A 16 -8.61 -3.69 -7.60
C GLU A 16 -7.88 -4.79 -6.82
N ILE A 17 -7.08 -4.38 -5.83
CA ILE A 17 -6.32 -5.34 -5.03
C ILE A 17 -7.25 -6.20 -4.21
N PRO A 18 -7.26 -7.50 -4.50
CA PRO A 18 -8.23 -8.38 -3.86
C PRO A 18 -8.05 -8.44 -2.33
N TYR A 19 -9.15 -8.60 -1.63
CA TYR A 19 -9.10 -8.86 -0.19
C TYR A 19 -8.02 -9.90 0.07
N GLY A 20 -7.26 -9.71 1.14
CA GLY A 20 -6.27 -10.68 1.54
C GLY A 20 -4.96 -10.63 0.76
N LYS A 21 -4.96 -9.92 -0.37
CA LYS A 21 -3.74 -9.73 -1.16
C LYS A 21 -3.11 -8.36 -0.89
N VAL A 22 -1.98 -8.06 -1.53
CA VAL A 22 -1.37 -6.73 -1.39
C VAL A 22 -0.56 -6.28 -2.59
N SER A 23 -0.18 -5.00 -2.59
CA SER A 23 0.70 -4.48 -3.63
C SER A 23 1.69 -3.45 -3.09
N THR A 24 2.38 -2.77 -3.99
CA THR A 24 3.34 -1.75 -3.59
C THR A 24 3.38 -0.50 -4.45
N TYR A 25 3.39 0.64 -3.79
CA TYR A 25 3.71 1.93 -4.40
C TYR A 25 4.23 1.77 -5.82
N GLY A 26 5.47 1.31 -5.92
CA GLY A 26 6.11 1.06 -7.20
C GLY A 26 5.22 0.32 -8.17
N GLU A 27 4.73 -0.86 -7.75
CA GLU A 27 3.94 -1.65 -8.67
C GLU A 27 2.77 -0.85 -9.16
N ILE A 28 2.08 -0.20 -8.24
CA ILE A 28 0.93 0.62 -8.62
C ILE A 28 1.33 1.70 -9.60
N ALA A 29 2.38 2.44 -9.25
CA ALA A 29 2.94 3.43 -10.14
C ALA A 29 3.06 2.88 -11.54
N ARG A 30 3.79 1.78 -11.68
CA ARG A 30 3.92 1.15 -12.99
C ARG A 30 2.57 0.77 -13.56
N TYR A 31 1.70 0.22 -12.72
CA TYR A 31 0.41 -0.23 -13.21
C TYR A 31 -0.22 0.85 -14.04
N VAL A 32 -0.18 2.08 -13.53
CA VAL A 32 -0.89 3.19 -14.13
C VAL A 32 0.00 4.08 -14.98
N GLY A 33 1.03 3.48 -15.59
CA GLY A 33 1.83 4.18 -16.60
C GLY A 33 2.68 5.35 -16.13
N MET A 34 3.02 5.37 -14.85
CA MET A 34 3.86 6.44 -14.30
C MET A 34 4.97 5.88 -13.42
N PRO A 35 5.91 5.14 -14.03
CA PRO A 35 6.89 4.30 -13.34
C PRO A 35 7.72 5.02 -12.28
N SER A 36 8.03 6.29 -12.50
CA SER A 36 8.91 7.02 -11.59
C SER A 36 8.16 7.60 -10.38
N TYR A 37 6.84 7.52 -10.38
CA TYR A 37 6.03 8.24 -9.40
C TYR A 37 5.65 7.45 -8.17
N ALA A 38 6.48 6.50 -7.76
CA ALA A 38 6.13 5.71 -6.58
C ALA A 38 5.93 6.60 -5.37
N ARG A 39 6.81 7.58 -5.18
CA ARG A 39 6.69 8.44 -4.02
C ARG A 39 5.29 9.00 -4.03
N GLN A 40 4.79 9.34 -5.22
CA GLN A 40 3.49 10.02 -5.32
C GLN A 40 2.34 9.08 -5.02
N VAL A 41 2.56 7.79 -5.25
CA VAL A 41 1.55 6.83 -4.81
C VAL A 41 1.46 6.87 -3.29
N GLY A 42 2.61 7.11 -2.66
CA GLY A 42 2.63 7.39 -1.25
C GLY A 42 1.66 8.51 -1.06
N GLN A 43 2.00 9.67 -1.62
CA GLN A 43 1.19 10.88 -1.53
C GLN A 43 -0.30 10.58 -1.61
N ALA A 44 -0.71 10.00 -2.74
CA ALA A 44 -2.12 9.62 -2.95
C ALA A 44 -2.76 9.03 -1.70
N MET A 45 -2.20 7.92 -1.24
CA MET A 45 -2.64 7.24 -0.04
C MET A 45 -2.81 8.22 1.11
N LYS A 46 -1.71 8.88 1.45
CA LYS A 46 -1.65 9.79 2.58
C LYS A 46 -2.74 10.85 2.53
N HIS A 47 -3.36 11.04 1.37
CA HIS A 47 -4.32 12.12 1.20
C HIS A 47 -5.78 11.69 1.24
N LEU A 48 -6.02 10.39 1.35
CA LEU A 48 -7.37 9.88 1.49
C LEU A 48 -7.96 10.31 2.81
N HIS A 49 -9.27 10.11 2.96
CA HIS A 49 -9.93 10.49 4.19
C HIS A 49 -10.27 9.26 5.00
N PRO A 50 -9.90 9.29 6.30
CA PRO A 50 -9.95 8.16 7.23
C PRO A 50 -11.17 7.24 7.07
N GLU A 51 -12.27 7.78 6.59
CA GLU A 51 -13.49 6.98 6.43
C GLU A 51 -13.71 6.64 4.96
N THR A 52 -12.72 6.03 4.34
CA THR A 52 -12.81 5.75 2.91
C THR A 52 -12.90 4.26 2.55
N HIS A 53 -13.64 3.99 1.49
CA HIS A 53 -13.84 2.64 1.00
C HIS A 53 -12.62 2.11 0.27
N VAL A 54 -11.55 2.90 0.23
CA VAL A 54 -10.34 2.49 -0.49
C VAL A 54 -9.39 1.60 0.33
N PRO A 55 -8.94 0.49 -0.25
CA PRO A 55 -8.07 -0.45 0.49
C PRO A 55 -6.63 0.03 0.59
N TRP A 56 -6.44 1.24 1.12
CA TRP A 56 -5.11 1.79 1.29
C TRP A 56 -4.22 0.89 2.15
N HIS A 57 -4.82 0.01 2.94
CA HIS A 57 -4.03 -0.90 3.78
C HIS A 57 -3.36 -1.99 2.95
N ARG A 58 -3.86 -2.24 1.74
CA ARG A 58 -3.27 -3.28 0.92
C ARG A 58 -2.03 -2.81 0.17
N VAL A 59 -1.42 -1.71 0.61
CA VAL A 59 -0.28 -1.15 -0.11
C VAL A 59 0.94 -0.94 0.78
N ILE A 60 2.02 -1.64 0.46
CA ILE A 60 3.26 -1.55 1.25
C ILE A 60 4.44 -1.34 0.33
N ASN A 61 5.65 -1.44 0.87
CA ASN A 61 6.86 -1.18 0.10
C ASN A 61 7.48 -2.40 -0.61
N SER A 62 8.41 -2.08 -1.52
CA SER A 62 9.07 -3.06 -2.36
C SER A 62 9.69 -4.14 -1.52
N ARG A 63 10.22 -3.76 -0.35
CA ARG A 63 10.91 -4.69 0.52
C ARG A 63 9.98 -5.62 1.29
N GLY A 64 8.68 -5.49 1.06
CA GLY A 64 7.70 -6.31 1.73
C GLY A 64 7.41 -5.90 3.17
N THR A 65 7.84 -4.70 3.56
CA THR A 65 7.60 -4.25 4.92
C THR A 65 6.51 -3.16 4.99
N ILE A 66 6.18 -2.72 6.20
CA ILE A 66 5.26 -1.59 6.37
C ILE A 66 6.09 -0.37 6.77
N SER A 67 5.85 0.74 6.07
CA SER A 67 6.75 1.87 6.08
C SER A 67 6.50 2.85 7.20
N LYS A 68 7.57 3.23 7.90
CA LYS A 68 7.48 4.21 8.97
C LYS A 68 6.95 5.54 8.45
N ARG A 69 6.06 6.17 9.20
CA ARG A 69 5.49 7.45 8.83
C ARG A 69 6.23 8.56 9.54
N ASP A 70 6.78 9.51 8.77
CA ASP A 70 7.41 10.69 9.36
C ASP A 70 6.36 11.55 10.11
N ILE A 71 5.09 11.37 9.73
CA ILE A 71 3.96 11.86 10.52
C ILE A 71 2.93 10.74 10.66
N SER A 72 2.43 10.54 11.88
CA SER A 72 1.25 9.69 12.09
C SER A 72 1.53 8.18 12.17
N ALA A 73 1.89 7.71 13.37
CA ALA A 73 2.09 6.29 13.56
C ALA A 73 0.74 5.55 13.57
N GLY A 74 0.12 5.47 12.40
CA GLY A 74 -1.01 4.60 12.23
C GLY A 74 -0.56 3.53 11.27
N GLU A 75 0.75 3.24 11.31
CA GLU A 75 1.30 2.12 10.56
C GLU A 75 0.85 0.91 11.33
N GLN A 76 0.55 1.14 12.60
CA GLN A 76 -0.05 0.13 13.44
C GLN A 76 -1.42 -0.19 12.86
N ARG A 77 -2.17 0.87 12.56
CA ARG A 77 -3.51 0.73 12.04
C ARG A 77 -3.47 -0.02 10.71
N GLN A 78 -2.30 -0.06 10.06
CA GLN A 78 -2.20 -0.74 8.78
C GLN A 78 -1.99 -2.24 8.96
N LYS A 79 -1.11 -2.60 9.91
CA LYS A 79 -0.91 -3.99 10.29
C LYS A 79 -2.23 -4.64 10.67
N ASP A 80 -2.93 -4.03 11.62
CA ASP A 80 -4.20 -4.56 12.09
C ASP A 80 -5.12 -4.89 10.90
N ARG A 81 -5.35 -3.89 10.05
CA ARG A 81 -6.23 -4.06 8.90
C ARG A 81 -5.86 -5.28 8.07
N LEU A 82 -4.57 -5.59 8.03
CA LEU A 82 -4.09 -6.72 7.24
C LEU A 82 -4.35 -8.03 7.97
N GLU A 83 -4.03 -8.06 9.26
CA GLU A 83 -4.16 -9.28 10.04
C GLU A 83 -5.59 -9.80 9.96
N GLU A 84 -6.55 -8.90 9.88
CA GLU A 84 -7.94 -9.30 9.74
C GLU A 84 -8.18 -10.00 8.40
N GLU A 85 -7.43 -9.58 7.38
CA GLU A 85 -7.54 -10.19 6.07
C GLU A 85 -6.70 -11.44 6.08
N GLY A 86 -6.06 -11.70 7.21
CA GLY A 86 -5.31 -12.92 7.39
C GLY A 86 -3.95 -12.87 6.74
N VAL A 87 -3.04 -12.12 7.36
CA VAL A 87 -1.74 -11.89 6.76
C VAL A 87 -0.60 -12.04 7.77
N GLU A 88 0.15 -13.12 7.64
CA GLU A 88 1.24 -13.40 8.56
C GLU A 88 2.22 -12.26 8.49
N ILE A 89 2.34 -11.54 9.59
CA ILE A 89 3.22 -10.38 9.64
C ILE A 89 4.20 -10.51 10.79
N TYR A 90 5.48 -10.46 10.48
CA TYR A 90 6.49 -10.56 11.52
C TYR A 90 7.30 -9.29 11.68
N GLN A 91 7.41 -8.84 12.93
CA GLN A 91 8.38 -7.82 13.27
C GLN A 91 9.71 -8.42 12.90
N THR A 92 10.52 -7.65 12.17
CA THR A 92 11.87 -8.07 11.83
C THR A 92 12.68 -8.09 13.11
N SER A 93 13.98 -8.33 13.02
CA SER A 93 14.84 -8.24 14.20
C SER A 93 14.62 -6.88 14.86
N LEU A 94 14.57 -5.83 14.04
CA LEU A 94 14.10 -4.53 14.51
C LEU A 94 12.57 -4.53 14.51
N GLY A 95 11.96 -3.40 14.88
CA GLY A 95 10.51 -3.35 15.05
C GLY A 95 9.71 -3.18 13.76
N GLU A 96 10.31 -3.54 12.63
CA GLU A 96 9.65 -3.42 11.34
C GLU A 96 8.61 -4.52 11.19
N TYR A 97 7.47 -4.23 10.59
CA TYR A 97 6.55 -5.31 10.27
C TYR A 97 6.78 -5.76 8.84
N LYS A 98 7.22 -7.01 8.67
CA LYS A 98 7.56 -7.54 7.37
C LYS A 98 6.49 -8.54 6.96
N LEU A 99 6.60 -9.06 5.75
CA LEU A 99 5.79 -10.20 5.35
C LEU A 99 6.37 -10.82 4.10
N ASN A 100 5.95 -12.06 3.82
CA ASN A 100 6.47 -12.79 2.69
C ASN A 100 5.90 -12.23 1.39
N LEU A 101 6.55 -11.20 0.87
CA LEU A 101 6.09 -10.51 -0.32
C LEU A 101 5.69 -11.45 -1.45
N PRO A 102 6.62 -12.33 -1.89
CA PRO A 102 6.33 -13.25 -2.99
C PRO A 102 4.99 -13.97 -2.85
N GLU A 103 4.65 -14.34 -1.61
CA GLU A 103 3.42 -15.06 -1.35
C GLU A 103 2.19 -14.17 -1.43
N TYR A 104 2.33 -12.92 -0.99
CA TYR A 104 1.18 -12.04 -0.85
C TYR A 104 0.98 -11.08 -2.02
N MET A 105 2.06 -10.71 -2.70
CA MET A 105 1.98 -9.77 -3.81
C MET A 105 0.89 -10.15 -4.82
N TRP A 106 0.28 -9.14 -5.43
CA TRP A 106 -0.81 -9.36 -6.37
C TRP A 106 -0.46 -8.92 -7.78
N LYS A 107 -1.02 -9.61 -8.76
CA LYS A 107 -0.82 -9.24 -10.16
C LYS A 107 -2.01 -9.64 -11.01
N PRO A 108 -2.52 -8.68 -11.81
CA PRO A 108 -3.62 -8.92 -12.75
C PRO A 108 -3.27 -9.96 -13.83
P BZG B 7 5.07 10.12 4.89
O1P BZG B 7 3.65 10.05 4.25
O2P BZG B 7 5.03 10.69 6.31
O5' BZG B 7 5.78 8.73 4.82
CZ1 BZG B 7 -5.75 6.35 5.44
CT1 BZG B 7 -6.58 7.19 6.20
CI BZG B 7 -6.10 8.40 6.72
CT2 BZG B 7 -4.78 8.77 6.48
CZ2 BZG B 7 -3.95 7.93 5.72
CE BZG B 7 -4.43 6.73 5.21
CW BZG B 7 -3.50 5.85 4.38
OL BZG B 7 -2.17 6.24 4.39
CK BZG B 7 -1.14 5.52 3.85
NJ BZG B 7 -1.32 4.33 3.22
CH BZG B 7 -0.26 3.69 2.74
NI BZG B 7 -0.42 2.44 2.05
NG BZG B 7 0.98 4.20 2.86
CF BZG B 7 1.24 5.40 3.47
CM BZG B 7 0.18 6.07 3.98
NN BZG B 7 0.65 7.24 4.56
CO BZG B 7 2.00 7.28 4.41
NE BZG B 7 2.37 6.16 3.74
CT' BZG B 7 3.73 5.80 3.41
OS' BZG B 7 4.57 6.46 4.30
CP' BZG B 7 4.15 6.22 2.07
C5' BZG B 7 6.08 8.11 3.64
C4' BZG B 7 5.82 6.71 3.59
C3' BZG B 7 5.59 6.34 2.20
O3' BZG B 7 6.16 5.13 1.92
#